data_1IOA
#
_entry.id   1IOA
#
_cell.length_a   41.300
_cell.length_b   94.500
_cell.length_c   82.900
_cell.angle_alpha   90.00
_cell.angle_beta   94.97
_cell.angle_gamma   90.00
#
_symmetry.space_group_name_H-M   'P 1 21 1'
#
loop_
_entity.id
_entity.type
_entity.pdbx_description
1 polymer ARCELIN-5A
2 branched alpha-L-fucopyranose-(1-3)-[2-acetamido-2-deoxy-beta-D-glucopyranose-(1-4)]2-acetamido-2-deoxy-beta-D-glucopyranose
#
_entity_poly.entity_id   1
_entity_poly.type   'polypeptide(L)'
_entity_poly.pdbx_seq_one_letter_code
;ATETSFNFPNFHTDDKLILQGNATISSKGQLQLTGVGSNELPRVDSLGRAFYSDPIQIKDSNNVASFNTNFTFIIRAKNQ
SISAYGLAFALVPVNSPPQKKQEFLGIFNTNNPEPNARTVAVVFNTFKNRIDFDKNFIKPYVNENCDFHKYNGEKTDVQI
TYDSSNNDLRVFLHFTVSQVKCSVSATVHLEKEVDEWVSVGFSPTSGLTEDTTETHDVLSWSFSSKFRNKLSNILLNNIL
;
_entity_poly.pdbx_strand_id   A,B
#
loop_
_chem_comp.id
_chem_comp.type
_chem_comp.name
_chem_comp.formula
FUC L-saccharide, alpha linking alpha-L-fucopyranose 'C6 H12 O5'
NAG D-saccharide, beta linking 2-acetamido-2-deoxy-beta-D-glucopyranose 'C8 H15 N O6'
#
# COMPACT_ATOMS: atom_id res chain seq x y z
N ALA A 1 23.79 -21.29 27.82
CA ALA A 1 22.93 -20.84 26.68
C ALA A 1 23.66 -20.06 25.60
N THR A 2 23.28 -20.43 24.38
CA THR A 2 23.76 -19.93 23.12
C THR A 2 22.49 -19.43 22.38
N GLU A 3 21.34 -20.09 22.58
CA GLU A 3 20.10 -19.71 21.87
C GLU A 3 19.07 -18.78 22.52
N THR A 4 18.87 -17.60 21.96
CA THR A 4 17.91 -16.66 22.51
C THR A 4 16.63 -16.58 21.73
N SER A 5 15.55 -16.33 22.45
CA SER A 5 14.25 -16.28 21.82
C SER A 5 13.24 -15.52 22.70
N PHE A 6 12.63 -14.48 22.13
CA PHE A 6 11.63 -13.72 22.86
C PHE A 6 10.49 -13.27 21.96
N ASN A 7 9.47 -12.68 22.53
CA ASN A 7 8.31 -12.32 21.76
C ASN A 7 7.55 -11.24 22.44
N PHE A 8 7.51 -10.04 21.89
CA PHE A 8 6.74 -8.99 22.52
C PHE A 8 5.52 -8.74 21.65
N PRO A 9 4.36 -9.23 22.05
CA PRO A 9 3.22 -8.95 21.21
C PRO A 9 2.88 -7.47 21.43
N ASN A 10 3.30 -6.96 22.57
CA ASN A 10 3.13 -5.53 22.90
C ASN A 10 4.14 -5.17 23.96
N PHE A 11 4.31 -3.90 24.26
CA PHE A 11 5.27 -3.51 25.26
C PHE A 11 4.67 -3.06 26.60
N HIS A 12 5.45 -3.25 27.65
CA HIS A 12 5.05 -2.90 28.98
C HIS A 12 6.32 -2.49 29.70
N THR A 13 6.15 -1.65 30.70
CA THR A 13 7.26 -1.12 31.49
C THR A 13 8.15 -2.21 32.12
N ASP A 14 7.52 -3.21 32.73
CA ASP A 14 8.19 -4.33 33.41
C ASP A 14 8.93 -5.29 32.48
N ASP A 15 9.05 -4.93 31.21
CA ASP A 15 9.70 -5.76 30.24
C ASP A 15 11.21 -5.75 30.25
N LYS A 16 11.76 -6.82 29.69
CA LYS A 16 13.17 -7.03 29.53
C LYS A 16 13.71 -6.07 28.46
N LEU A 17 13.61 -4.76 28.66
CA LEU A 17 14.11 -3.86 27.63
C LEU A 17 14.93 -2.77 28.27
N ILE A 18 15.91 -2.26 27.53
CA ILE A 18 16.76 -1.17 27.97
C ILE A 18 16.40 -0.03 27.02
N LEU A 19 15.91 1.08 27.60
CA LEU A 19 15.49 2.27 26.88
C LEU A 19 16.52 3.36 27.06
N GLN A 20 16.94 3.99 25.98
CA GLN A 20 17.93 5.02 26.08
C GLN A 20 17.34 6.22 25.39
N GLY A 21 17.98 7.39 25.54
CA GLY A 21 17.47 8.62 24.93
C GLY A 21 16.01 8.83 25.25
N ASN A 22 15.25 9.44 24.34
CA ASN A 22 13.81 9.74 24.53
C ASN A 22 12.80 8.61 24.34
N ALA A 23 13.26 7.36 24.21
CA ALA A 23 12.38 6.21 24.02
C ALA A 23 11.58 5.93 25.27
N THR A 24 10.29 5.59 25.09
CA THR A 24 9.40 5.29 26.20
C THR A 24 8.36 4.34 25.71
N ILE A 25 7.67 3.68 26.63
CA ILE A 25 6.56 2.79 26.30
C ILE A 25 5.29 3.60 26.58
N SER A 26 4.38 3.65 25.60
CA SER A 26 3.13 4.36 25.78
C SER A 26 2.15 3.55 26.63
N SER A 27 1.18 4.24 27.22
CA SER A 27 0.15 3.62 28.03
C SER A 27 -0.59 2.50 27.31
N LYS A 28 -0.55 2.51 25.98
CA LYS A 28 -1.23 1.53 25.14
C LYS A 28 -0.36 0.34 24.84
N GLY A 29 0.86 0.36 25.33
CA GLY A 29 1.74 -0.75 25.08
C GLY A 29 2.50 -0.65 23.79
N GLN A 30 2.96 0.56 23.46
CA GLN A 30 3.71 0.77 22.22
C GLN A 30 5.11 1.29 22.48
N LEU A 31 6.11 0.80 21.76
CA LEU A 31 7.46 1.28 21.97
C LEU A 31 7.64 2.52 21.12
N GLN A 32 7.70 3.67 21.76
CA GLN A 32 7.85 4.93 21.06
C GLN A 32 9.29 5.35 21.04
N LEU A 33 10.04 4.89 20.04
CA LEU A 33 11.46 5.21 19.96
C LEU A 33 11.89 6.68 20.13
N THR A 34 11.40 7.60 19.31
CA THR A 34 11.83 9.00 19.42
C THR A 34 11.07 9.82 20.41
N GLY A 35 10.04 9.23 21.03
CA GLY A 35 9.28 9.96 22.03
C GLY A 35 8.26 11.00 21.62
N VAL A 36 7.58 11.54 22.62
CA VAL A 36 6.51 12.54 22.44
C VAL A 36 6.60 13.68 23.46
N GLY A 37 6.26 14.87 22.97
CA GLY A 37 6.27 16.09 23.75
C GLY A 37 5.00 16.30 24.58
N SER A 38 5.02 17.28 25.49
CA SER A 38 3.86 17.51 26.36
C SER A 38 2.65 18.06 25.65
N ASN A 39 2.82 18.39 24.37
CA ASN A 39 1.78 18.91 23.51
C ASN A 39 1.14 17.77 22.72
N GLU A 40 1.59 16.54 22.98
CA GLU A 40 1.11 15.32 22.32
C GLU A 40 1.59 15.23 20.86
N LEU A 41 2.69 15.92 20.60
CA LEU A 41 3.32 15.92 19.30
C LEU A 41 4.72 15.37 19.47
N PRO A 42 5.20 14.70 18.43
CA PRO A 42 6.50 14.06 18.29
C PRO A 42 7.59 15.02 18.74
N ARG A 43 8.70 14.49 19.21
CA ARG A 43 9.81 15.34 19.60
C ARG A 43 10.68 15.64 18.37
N VAL A 44 11.20 16.87 18.29
CA VAL A 44 12.09 17.22 17.18
C VAL A 44 13.54 17.06 17.66
N ASP A 45 14.40 16.59 16.77
CA ASP A 45 15.77 16.35 17.10
C ASP A 45 15.84 15.43 18.33
N SER A 46 15.11 14.34 18.24
CA SER A 46 15.07 13.40 19.32
C SER A 46 15.67 12.11 18.90
N LEU A 47 16.30 11.42 19.85
CA LEU A 47 16.94 10.12 19.65
C LEU A 47 16.43 9.24 20.79
N GLY A 48 16.14 7.98 20.48
CA GLY A 48 15.72 7.05 21.50
C GLY A 48 16.18 5.71 20.97
N ARG A 49 16.70 4.83 21.80
CA ARG A 49 17.11 3.52 21.32
C ARG A 49 16.46 2.57 22.30
N ALA A 50 16.49 1.27 22.03
CA ALA A 50 15.89 0.27 22.93
C ALA A 50 16.38 -1.11 22.55
N PHE A 51 16.90 -1.87 23.52
CA PHE A 51 17.45 -3.22 23.24
C PHE A 51 16.91 -4.24 24.21
N TYR A 52 16.88 -5.50 23.78
CA TYR A 52 16.45 -6.58 24.63
C TYR A 52 17.57 -6.54 25.65
N SER A 53 17.22 -6.66 26.92
CA SER A 53 18.17 -6.52 28.01
C SER A 53 19.23 -7.56 28.18
N ASP A 54 18.99 -8.76 27.66
CA ASP A 54 19.95 -9.86 27.73
C ASP A 54 20.86 -9.78 26.51
N PRO A 55 22.16 -10.01 26.68
CA PRO A 55 22.98 -9.93 25.48
C PRO A 55 22.78 -11.19 24.65
N ILE A 56 22.93 -11.07 23.34
CA ILE A 56 22.75 -12.21 22.47
C ILE A 56 24.10 -12.74 22.01
N GLN A 57 24.20 -14.08 21.93
CA GLN A 57 25.42 -14.69 21.48
C GLN A 57 25.49 -14.92 19.98
N ILE A 58 26.40 -14.22 19.31
CA ILE A 58 26.57 -14.37 17.87
C ILE A 58 27.54 -15.49 17.48
N LYS A 59 28.74 -15.47 18.04
CA LYS A 59 29.73 -16.48 17.71
C LYS A 59 29.88 -17.47 18.89
N ASP A 60 29.62 -18.76 18.66
CA ASP A 60 29.74 -19.79 19.70
C ASP A 60 31.17 -20.09 20.00
N SER A 61 31.96 -20.15 18.93
CA SER A 61 33.39 -20.38 18.98
C SER A 61 33.72 -20.38 17.52
N ASN A 62 33.31 -21.47 16.88
CA ASN A 62 33.52 -21.68 15.47
C ASN A 62 32.18 -21.59 14.73
N ASN A 63 31.08 -21.88 15.43
CA ASN A 63 29.76 -21.84 14.80
C ASN A 63 29.15 -20.46 15.01
N VAL A 64 28.38 -19.99 14.02
CA VAL A 64 27.73 -18.68 14.07
C VAL A 64 26.24 -18.90 14.12
N ALA A 65 25.54 -17.99 14.81
CA ALA A 65 24.11 -18.10 14.95
C ALA A 65 23.40 -17.55 13.74
N SER A 66 22.24 -18.12 13.49
CA SER A 66 21.36 -17.69 12.44
C SER A 66 20.27 -17.03 13.26
N PHE A 67 19.59 -16.02 12.73
CA PHE A 67 18.53 -15.41 13.50
C PHE A 67 17.40 -15.00 12.60
N ASN A 68 16.26 -14.81 13.21
CA ASN A 68 15.04 -14.48 12.51
C ASN A 68 14.36 -13.46 13.42
N THR A 69 13.97 -12.31 12.89
CA THR A 69 13.31 -11.30 13.70
C THR A 69 12.17 -10.69 12.89
N ASN A 70 11.02 -10.52 13.53
CA ASN A 70 9.83 -9.97 12.88
C ASN A 70 9.37 -8.86 13.79
N PHE A 71 9.03 -7.74 13.23
CA PHE A 71 8.54 -6.63 14.01
C PHE A 71 7.64 -5.77 13.14
N THR A 72 6.70 -5.07 13.76
CA THR A 72 5.82 -4.23 12.99
C THR A 72 5.88 -2.82 13.56
N PHE A 73 5.89 -1.80 12.71
CA PHE A 73 5.96 -0.43 13.20
C PHE A 73 5.08 0.53 12.41
N ILE A 74 4.99 1.77 12.89
CA ILE A 74 4.24 2.86 12.24
C ILE A 74 5.06 4.12 12.41
N ILE A 75 5.20 4.87 11.33
CA ILE A 75 5.91 6.12 11.37
C ILE A 75 4.86 7.11 10.88
N ARG A 76 4.55 8.08 11.73
CA ARG A 76 3.56 9.08 11.43
C ARG A 76 4.26 10.44 11.52
N ALA A 77 4.06 11.25 10.50
CA ALA A 77 4.66 12.56 10.38
C ALA A 77 3.67 13.60 9.99
N LYS A 78 3.99 14.85 10.29
CA LYS A 78 3.17 16.01 9.92
C LYS A 78 3.23 16.14 8.37
N ASN A 79 4.44 16.01 7.80
CA ASN A 79 4.58 16.04 6.36
C ASN A 79 5.60 14.97 5.98
N GLN A 80 5.12 13.77 5.64
CA GLN A 80 5.93 12.62 5.28
C GLN A 80 6.90 12.86 4.15
N SER A 81 6.58 13.81 3.30
CA SER A 81 7.42 14.14 2.18
C SER A 81 8.70 14.70 2.70
N ILE A 82 8.66 15.33 3.86
CA ILE A 82 9.89 15.90 4.39
C ILE A 82 10.38 15.30 5.73
N SER A 83 9.71 14.21 6.14
CA SER A 83 10.02 13.45 7.32
C SER A 83 11.50 13.05 7.35
N ALA A 84 12.04 12.88 8.56
CA ALA A 84 13.41 12.47 8.79
C ALA A 84 13.40 11.81 10.19
N TYR A 85 14.31 10.90 10.50
CA TYR A 85 15.37 10.42 9.66
C TYR A 85 15.13 8.95 9.46
N GLY A 86 14.69 8.23 10.49
CA GLY A 86 14.42 6.83 10.26
C GLY A 86 14.49 5.99 11.51
N LEU A 87 14.29 4.70 11.34
CA LEU A 87 14.26 3.71 12.40
C LEU A 87 15.23 2.59 11.97
N ALA A 88 15.97 2.04 12.93
CA ALA A 88 16.98 1.03 12.66
C ALA A 88 16.89 -0.17 13.52
N PHE A 89 17.18 -1.32 12.94
CA PHE A 89 17.22 -2.55 13.71
C PHE A 89 18.76 -2.79 13.70
N ALA A 90 19.38 -2.85 14.87
CA ALA A 90 20.82 -2.97 14.92
C ALA A 90 21.37 -4.03 15.84
N LEU A 91 22.58 -4.49 15.58
CA LEU A 91 23.25 -5.40 16.52
C LEU A 91 24.42 -4.50 17.00
N VAL A 92 24.52 -4.24 18.30
CA VAL A 92 25.59 -3.39 18.79
C VAL A 92 26.38 -4.00 19.96
N PRO A 93 27.54 -3.41 20.32
CA PRO A 93 28.36 -3.89 21.43
C PRO A 93 27.45 -3.87 22.62
N VAL A 94 27.62 -4.78 23.57
CA VAL A 94 26.68 -4.82 24.66
C VAL A 94 26.24 -3.64 25.48
N ASN A 95 27.08 -2.79 25.98
CA ASN A 95 26.44 -1.71 26.74
C ASN A 95 26.67 -0.37 26.04
N SER A 96 26.93 -0.43 24.73
CA SER A 96 27.22 0.78 24.01
C SER A 96 26.13 1.81 24.25
N PRO A 97 26.54 3.08 24.41
CA PRO A 97 25.70 4.22 24.66
C PRO A 97 25.31 4.78 23.29
N PRO A 98 24.28 5.62 23.22
CA PRO A 98 23.90 6.16 21.92
C PRO A 98 24.97 7.03 21.36
N GLN A 99 25.19 6.90 20.06
CA GLN A 99 26.17 7.66 19.36
C GLN A 99 25.51 8.97 18.91
N LYS A 100 25.82 9.42 17.70
CA LYS A 100 25.26 10.67 17.19
C LYS A 100 23.83 10.62 16.72
N LYS A 101 23.21 11.81 16.71
CA LYS A 101 21.84 12.01 16.27
C LYS A 101 21.79 12.23 14.77
N GLN A 102 20.64 12.75 14.31
CA GLN A 102 20.41 13.01 12.89
C GLN A 102 20.60 11.77 12.01
N GLU A 103 21.13 11.95 10.82
CA GLU A 103 21.35 10.86 9.88
C GLU A 103 22.24 9.74 10.45
N PHE A 104 22.77 9.92 11.66
CA PHE A 104 23.63 8.92 12.32
C PHE A 104 22.81 7.90 13.09
N LEU A 105 21.52 8.14 13.16
CA LEU A 105 20.58 7.25 13.84
C LEU A 105 20.98 6.73 15.21
N GLY A 106 21.87 7.47 15.86
CA GLY A 106 22.35 7.11 17.16
C GLY A 106 23.22 5.87 17.19
N ILE A 107 23.64 5.39 16.02
CA ILE A 107 24.49 4.18 15.98
C ILE A 107 25.88 4.45 15.42
N PHE A 108 26.08 5.61 14.78
CA PHE A 108 27.39 5.92 14.19
C PHE A 108 27.83 7.30 14.58
N ASN A 109 29.06 7.62 14.28
CA ASN A 109 29.61 8.91 14.66
C ASN A 109 30.18 9.66 13.47
N THR A 110 30.66 8.93 12.47
CA THR A 110 31.29 9.58 11.35
C THR A 110 30.81 9.16 9.99
N ASN A 111 31.27 9.97 9.05
CA ASN A 111 31.03 9.76 7.64
C ASN A 111 32.10 8.80 7.14
N ASN A 112 33.00 8.43 8.04
CA ASN A 112 34.08 7.54 7.68
C ASN A 112 33.81 6.16 8.24
N PRO A 113 34.48 5.14 7.70
CA PRO A 113 34.23 3.81 8.22
C PRO A 113 34.51 3.79 9.70
N GLU A 114 33.73 2.99 10.43
CA GLU A 114 33.91 2.86 11.84
C GLU A 114 34.04 1.38 12.16
N PRO A 115 35.09 0.73 11.64
CA PRO A 115 35.32 -0.70 11.89
C PRO A 115 35.21 -1.08 13.37
N ASN A 116 35.43 -0.10 14.23
CA ASN A 116 35.34 -0.35 15.65
C ASN A 116 34.01 0.09 16.25
N ALA A 117 33.01 0.23 15.40
CA ALA A 117 31.70 0.57 15.90
C ALA A 117 31.12 -0.80 16.23
N ARG A 118 31.64 -1.83 15.56
CA ARG A 118 31.22 -3.23 15.73
C ARG A 118 29.70 -3.34 15.60
N THR A 119 29.14 -2.50 14.75
CA THR A 119 27.71 -2.42 14.55
C THR A 119 27.33 -2.85 13.14
N VAL A 120 26.16 -3.45 13.03
CA VAL A 120 25.58 -3.89 11.77
C VAL A 120 24.12 -3.47 11.96
N ALA A 121 23.58 -2.72 11.02
CA ALA A 121 22.22 -2.26 11.17
C ALA A 121 21.45 -2.24 9.86
N VAL A 122 20.13 -2.34 9.98
CA VAL A 122 19.25 -2.26 8.85
C VAL A 122 18.42 -1.02 9.10
N VAL A 123 18.70 0.02 8.31
CA VAL A 123 18.02 1.28 8.43
C VAL A 123 16.89 1.51 7.43
N PHE A 124 15.73 1.85 7.97
CA PHE A 124 14.56 2.20 7.21
C PHE A 124 14.73 3.73 7.18
N ASN A 125 15.60 4.13 6.25
CA ASN A 125 15.95 5.52 6.02
C ASN A 125 14.79 6.30 5.43
N THR A 126 14.12 6.98 6.33
CA THR A 126 12.97 7.73 6.01
C THR A 126 13.41 9.06 5.39
N PHE A 127 14.60 9.52 5.72
CA PHE A 127 15.17 10.79 5.21
C PHE A 127 15.48 10.66 3.70
N LYS A 128 16.30 9.68 3.34
CA LYS A 128 16.71 9.40 1.96
C LYS A 128 15.74 8.51 1.24
N ASN A 129 14.75 8.00 1.94
CA ASN A 129 13.76 7.13 1.33
C ASN A 129 14.27 5.84 0.77
N ARG A 130 14.88 5.04 1.62
CA ARG A 130 15.35 3.75 1.19
C ARG A 130 15.64 2.92 2.40
N ILE A 131 15.92 1.65 2.14
CA ILE A 131 16.26 0.73 3.18
C ILE A 131 17.76 0.51 3.05
N ASP A 132 18.51 0.79 4.10
CA ASP A 132 19.93 0.64 4.09
C ASP A 132 20.42 -0.50 4.94
N PHE A 133 21.43 -1.22 4.46
CA PHE A 133 22.08 -2.28 5.25
C PHE A 133 23.50 -1.75 5.49
N ASP A 134 23.75 -1.27 6.68
CA ASP A 134 25.00 -0.67 7.05
C ASP A 134 25.83 -1.58 7.87
N LYS A 135 27.11 -1.62 7.53
CA LYS A 135 28.12 -2.44 8.21
C LYS A 135 29.23 -1.52 8.72
N ASN A 136 29.27 -1.24 10.01
CA ASN A 136 30.33 -0.41 10.56
C ASN A 136 30.62 0.82 9.71
N PHE A 137 29.58 1.33 9.06
CA PHE A 137 29.75 2.48 8.22
C PHE A 137 28.38 3.05 7.95
N ILE A 138 28.26 4.36 8.11
CA ILE A 138 27.01 5.09 7.89
C ILE A 138 26.60 5.11 6.40
N LYS A 139 27.54 4.88 5.49
CA LYS A 139 27.27 4.83 4.05
C LYS A 139 26.91 3.34 3.82
N PRO A 140 25.70 3.05 3.32
CA PRO A 140 25.31 1.66 3.10
C PRO A 140 26.16 0.75 2.21
N TYR A 141 26.13 -0.52 2.57
CA TYR A 141 26.82 -1.55 1.83
C TYR A 141 25.99 -1.97 0.63
N VAL A 142 24.69 -1.91 0.83
CA VAL A 142 23.71 -2.26 -0.16
C VAL A 142 22.48 -1.47 0.32
N ASN A 143 21.80 -0.80 -0.59
CA ASN A 143 20.62 -0.03 -0.22
C ASN A 143 19.58 -0.26 -1.28
N GLU A 144 18.31 -0.18 -0.92
CA GLU A 144 17.22 -0.39 -1.86
C GLU A 144 16.14 0.68 -1.66
N ASN A 145 15.69 1.27 -2.74
CA ASN A 145 14.68 2.31 -2.63
C ASN A 145 13.35 1.76 -2.10
N CYS A 146 12.71 2.52 -1.19
CA CYS A 146 11.43 2.11 -0.61
C CYS A 146 10.70 3.42 -0.33
N ASP A 147 9.50 3.58 -0.85
CA ASP A 147 8.78 4.84 -0.75
C ASP A 147 8.06 5.12 0.59
N PHE A 148 8.84 5.48 1.58
CA PHE A 148 8.28 5.79 2.88
C PHE A 148 7.50 7.10 2.82
N HIS A 149 7.98 8.08 2.06
CA HIS A 149 7.33 9.37 1.96
C HIS A 149 5.90 9.19 1.54
N LYS A 150 5.63 8.12 0.82
CA LYS A 150 4.30 7.89 0.35
C LYS A 150 3.47 6.88 1.15
N TYR A 151 4.07 5.74 1.52
CA TYR A 151 3.33 4.71 2.22
C TYR A 151 3.43 4.63 3.72
N ASN A 152 4.19 5.54 4.31
CA ASN A 152 4.29 5.56 5.76
C ASN A 152 2.89 5.95 6.26
N GLY A 153 2.66 5.97 7.58
CA GLY A 153 1.37 6.31 8.12
C GLY A 153 0.48 5.07 8.26
N GLU A 154 1.09 3.90 8.18
CA GLU A 154 0.34 2.67 8.29
C GLU A 154 1.27 1.62 8.87
N LYS A 155 0.71 0.66 9.60
CA LYS A 155 1.47 -0.44 10.21
C LYS A 155 2.30 -1.07 9.09
N THR A 156 3.59 -1.27 9.33
CA THR A 156 4.45 -1.85 8.34
C THR A 156 5.04 -3.04 9.05
N ASP A 157 5.03 -4.19 8.40
CA ASP A 157 5.59 -5.41 8.97
C ASP A 157 6.96 -5.66 8.41
N VAL A 158 7.94 -5.88 9.24
CA VAL A 158 9.25 -6.17 8.74
C VAL A 158 9.66 -7.57 9.20
N GLN A 159 10.42 -8.24 8.34
CA GLN A 159 10.93 -9.56 8.66
C GLN A 159 12.37 -9.61 8.21
N ILE A 160 13.30 -9.92 9.14
CA ILE A 160 14.73 -9.98 8.88
C ILE A 160 15.31 -11.34 9.23
N THR A 161 16.01 -11.94 8.29
CA THR A 161 16.62 -13.23 8.52
C THR A 161 18.12 -13.23 8.24
N TYR A 162 18.87 -14.08 8.92
CA TYR A 162 20.30 -14.23 8.66
C TYR A 162 20.61 -15.71 8.74
N ASP A 163 21.20 -16.23 7.66
CA ASP A 163 21.55 -17.63 7.58
C ASP A 163 23.04 -17.63 7.58
N SER A 164 23.65 -18.19 8.60
CA SER A 164 25.11 -18.21 8.65
C SER A 164 25.73 -19.15 7.60
N SER A 165 24.92 -20.08 7.06
CA SER A 165 25.36 -21.06 6.06
C SER A 165 25.71 -20.45 4.73
N ASN A 166 24.89 -19.51 4.31
CA ASN A 166 25.12 -18.83 3.04
C ASN A 166 25.49 -17.39 3.35
N ASN A 167 25.54 -17.10 4.64
CA ASN A 167 25.90 -15.79 5.12
C ASN A 167 25.11 -14.73 4.45
N ASP A 168 23.81 -14.93 4.35
CA ASP A 168 22.98 -13.89 3.76
C ASP A 168 21.89 -13.36 4.64
N LEU A 169 21.82 -12.04 4.63
CA LEU A 169 20.85 -11.29 5.36
C LEU A 169 19.74 -10.98 4.35
N ARG A 170 18.50 -11.15 4.74
CA ARG A 170 17.38 -10.86 3.86
C ARG A 170 16.33 -10.03 4.62
N VAL A 171 15.95 -8.87 4.08
CA VAL A 171 14.93 -8.00 4.70
C VAL A 171 13.67 -7.90 3.84
N PHE A 172 12.50 -8.19 4.41
CA PHE A 172 11.22 -8.11 3.67
C PHE A 172 10.27 -7.18 4.40
N LEU A 173 10.06 -5.98 3.86
CA LEU A 173 9.12 -5.00 4.42
C LEU A 173 7.77 -5.01 3.66
N HIS A 174 6.67 -4.98 4.37
CA HIS A 174 5.37 -5.00 3.71
C HIS A 174 4.46 -3.94 4.33
N PHE A 175 4.06 -2.92 3.57
CA PHE A 175 3.14 -1.91 4.09
C PHE A 175 1.81 -2.62 3.96
N THR A 176 1.17 -2.85 5.09
CA THR A 176 -0.07 -3.61 5.22
C THR A 176 -1.38 -3.22 4.56
N VAL A 177 -1.57 -1.94 4.26
CA VAL A 177 -2.82 -1.57 3.62
C VAL A 177 -2.53 -1.21 2.16
N SER A 178 -1.50 -0.41 1.93
CA SER A 178 -1.16 -0.03 0.57
C SER A 178 -0.64 -1.28 -0.08
N GLN A 179 -0.28 -2.25 0.73
CA GLN A 179 0.18 -3.53 0.24
C GLN A 179 1.54 -3.48 -0.45
N VAL A 180 2.17 -2.31 -0.51
CA VAL A 180 3.52 -2.17 -1.11
C VAL A 180 4.59 -2.97 -0.30
N LYS A 181 5.56 -3.56 -1.01
CA LYS A 181 6.66 -4.42 -0.50
C LYS A 181 8.03 -3.88 -0.86
N CYS A 182 9.01 -4.06 0.02
CA CYS A 182 10.40 -3.66 -0.21
C CYS A 182 11.23 -4.75 0.38
N SER A 183 12.45 -4.89 -0.10
CA SER A 183 13.35 -5.92 0.39
C SER A 183 14.75 -5.73 -0.15
N VAL A 184 15.74 -6.18 0.59
CA VAL A 184 17.08 -6.10 0.11
C VAL A 184 17.76 -7.33 0.63
N SER A 185 18.87 -7.69 0.02
CA SER A 185 19.62 -8.86 0.43
C SER A 185 21.09 -8.51 0.29
N ALA A 186 21.90 -9.08 1.18
CA ALA A 186 23.30 -8.80 1.15
C ALA A 186 23.93 -10.04 1.70
N THR A 187 25.21 -10.20 1.39
CA THR A 187 25.99 -11.31 1.91
C THR A 187 26.89 -10.71 3.03
N VAL A 188 26.72 -11.19 4.25
CA VAL A 188 27.48 -10.71 5.36
C VAL A 188 28.01 -11.88 6.16
N HIS A 189 29.12 -11.59 6.83
CA HIS A 189 29.79 -12.52 7.71
C HIS A 189 29.66 -11.79 9.01
N LEU A 190 28.53 -11.97 9.67
CA LEU A 190 28.31 -11.28 10.93
C LEU A 190 29.51 -11.27 11.83
N GLU A 191 30.12 -12.46 11.98
CA GLU A 191 31.28 -12.71 12.84
C GLU A 191 32.45 -11.80 12.63
N LYS A 192 32.51 -11.15 11.48
CA LYS A 192 33.60 -10.24 11.18
C LYS A 192 33.24 -8.79 11.43
N GLU A 193 31.98 -8.54 11.85
CA GLU A 193 31.48 -7.17 12.03
C GLU A 193 31.05 -6.81 13.43
N VAL A 194 30.60 -7.83 14.14
CA VAL A 194 30.14 -7.67 15.50
C VAL A 194 30.84 -8.63 16.46
N ASP A 195 30.69 -8.40 17.76
CA ASP A 195 31.33 -9.20 18.80
C ASP A 195 30.58 -10.51 18.98
N GLU A 196 31.15 -11.35 19.85
CA GLU A 196 30.63 -12.66 20.17
C GLU A 196 29.26 -12.57 20.82
N TRP A 197 29.04 -11.50 21.58
CA TRP A 197 27.79 -11.24 22.26
C TRP A 197 27.50 -9.81 21.89
N VAL A 198 26.27 -9.54 21.50
CA VAL A 198 25.85 -8.19 21.12
C VAL A 198 24.48 -7.89 21.77
N SER A 199 24.10 -6.61 21.78
CA SER A 199 22.80 -6.17 22.23
C SER A 199 21.98 -6.00 20.94
N VAL A 200 20.72 -6.47 20.97
CA VAL A 200 19.83 -6.44 19.81
C VAL A 200 18.70 -5.45 20.07
N GLY A 201 18.32 -4.67 19.07
CA GLY A 201 17.26 -3.70 19.32
C GLY A 201 17.05 -2.70 18.20
N PHE A 202 16.55 -1.51 18.52
CA PHE A 202 16.22 -0.45 17.57
C PHE A 202 16.78 0.88 18.00
N SER A 203 16.91 1.77 17.05
CA SER A 203 17.41 3.12 17.26
C SER A 203 16.85 3.96 16.09
N PRO A 204 16.26 5.12 16.38
CA PRO A 204 15.66 6.12 15.49
C PRO A 204 16.00 7.50 15.85
N THR A 205 15.94 8.38 14.85
CA THR A 205 16.23 9.77 15.03
C THR A 205 15.22 10.57 14.27
N SER A 206 14.70 11.64 14.87
CA SER A 206 13.73 12.52 14.24
C SER A 206 14.33 13.85 13.72
N GLY A 207 13.62 14.46 12.79
CA GLY A 207 14.01 15.72 12.19
C GLY A 207 14.09 16.91 13.12
N LEU A 208 14.88 17.88 12.70
CA LEU A 208 15.17 19.11 13.41
C LEU A 208 14.12 20.18 13.33
N THR A 209 12.88 19.82 13.05
CA THR A 209 11.82 20.81 12.89
C THR A 209 10.44 20.20 13.01
N GLU A 210 9.45 21.01 13.39
CA GLU A 210 8.10 20.49 13.53
C GLU A 210 7.60 19.89 12.26
N ASP A 211 8.05 20.40 11.12
CA ASP A 211 7.62 19.83 9.85
C ASP A 211 8.34 18.55 9.44
N THR A 212 9.62 18.47 9.74
CA THR A 212 10.41 17.29 9.38
C THR A 212 10.38 16.15 10.36
N THR A 213 9.78 16.33 11.52
CA THR A 213 9.74 15.25 12.47
C THR A 213 8.63 14.24 12.27
N GLU A 214 8.78 13.10 12.93
CA GLU A 214 7.84 12.00 12.83
C GLU A 214 7.95 11.06 14.03
N THR A 215 7.07 10.07 14.08
CA THR A 215 7.09 9.12 15.17
C THR A 215 7.73 7.87 14.67
N HIS A 216 8.20 7.03 15.58
CA HIS A 216 8.84 5.82 15.18
C HIS A 216 8.44 4.84 16.25
N ASP A 217 7.21 4.36 16.15
CA ASP A 217 6.70 3.43 17.16
C ASP A 217 6.75 1.98 16.73
N VAL A 218 7.21 1.12 17.62
CA VAL A 218 7.27 -0.30 17.33
C VAL A 218 6.11 -0.90 18.09
N LEU A 219 5.28 -1.64 17.38
CA LEU A 219 4.10 -2.22 17.99
C LEU A 219 4.25 -3.66 18.40
N SER A 220 5.22 -4.36 17.82
CA SER A 220 5.44 -5.76 18.20
C SER A 220 6.84 -6.21 17.80
N TRP A 221 7.34 -7.34 18.30
CA TRP A 221 8.70 -7.80 17.96
C TRP A 221 9.03 -9.19 18.47
N SER A 222 9.59 -10.00 17.59
CA SER A 222 10.00 -11.35 17.93
C SER A 222 11.44 -11.59 17.46
N PHE A 223 12.13 -12.47 18.16
CA PHE A 223 13.49 -12.76 17.81
C PHE A 223 13.82 -14.18 18.20
N SER A 224 14.68 -14.84 17.40
CA SER A 224 15.15 -16.20 17.66
C SER A 224 16.54 -16.46 17.09
N SER A 225 17.52 -16.69 17.92
CA SER A 225 18.82 -16.99 17.35
C SER A 225 18.90 -18.50 17.38
N LYS A 226 19.61 -19.10 16.42
CA LYS A 226 19.76 -20.54 16.34
C LYS A 226 21.17 -20.95 15.88
N PHE A 227 21.77 -21.88 16.61
CA PHE A 227 23.11 -22.41 16.30
C PHE A 227 22.87 -23.74 15.70
N ARG A 228 23.10 -23.88 14.40
CA ARG A 228 22.83 -25.16 13.72
C ARG A 228 23.98 -26.18 13.74
N ALA B 1 3.38 10.98 -0.16
CA ALA B 1 2.21 11.28 -1.06
C ALA B 1 0.86 10.71 -0.61
N THR B 2 -0.11 11.60 -0.74
CA THR B 2 -1.50 11.43 -0.39
C THR B 2 -2.27 11.71 -1.70
N GLU B 3 -1.76 12.61 -2.55
CA GLU B 3 -2.47 12.97 -3.78
C GLU B 3 -2.07 12.31 -5.12
N THR B 4 -2.99 11.56 -5.72
CA THR B 4 -2.72 10.87 -6.99
C THR B 4 -3.36 11.53 -8.18
N SER B 5 -2.70 11.44 -9.32
CA SER B 5 -3.21 12.09 -10.51
C SER B 5 -2.56 11.48 -11.75
N PHE B 6 -3.39 10.99 -12.67
CA PHE B 6 -2.89 10.42 -13.92
C PHE B 6 -3.79 10.77 -15.08
N ASN B 7 -3.34 10.46 -16.28
CA ASN B 7 -4.11 10.80 -17.46
C ASN B 7 -3.81 9.88 -18.60
N PHE B 8 -4.74 9.03 -19.02
CA PHE B 8 -4.46 8.17 -20.17
C PHE B 8 -5.27 8.69 -21.35
N PRO B 9 -4.61 9.39 -22.27
CA PRO B 9 -5.42 9.86 -23.39
C PRO B 9 -5.72 8.65 -24.27
N ASN B 10 -4.93 7.59 -24.08
CA ASN B 10 -5.09 6.33 -24.77
C ASN B 10 -4.30 5.28 -24.00
N PHE B 11 -4.44 4.02 -24.36
CA PHE B 11 -3.72 3.00 -23.63
C PHE B 11 -2.62 2.33 -24.42
N HIS B 12 -1.62 1.84 -23.71
CA HIS B 12 -0.48 1.18 -24.31
C HIS B 12 -0.07 0.11 -23.36
N THR B 13 0.69 -0.85 -23.85
CA THR B 13 1.15 -1.96 -23.03
C THR B 13 2.05 -1.58 -21.83
N ASP B 14 2.98 -0.65 -22.06
CA ASP B 14 3.95 -0.18 -21.06
C ASP B 14 3.35 0.71 -19.97
N ASP B 15 2.02 0.76 -19.93
CA ASP B 15 1.34 1.60 -18.96
C ASP B 15 1.20 1.03 -17.56
N LYS B 16 1.02 1.97 -16.63
CA LYS B 16 0.84 1.72 -15.20
C LYS B 16 -0.54 1.09 -14.98
N LEU B 17 -0.79 -0.09 -15.55
CA LEU B 17 -2.10 -0.67 -15.40
C LEU B 17 -1.95 -2.13 -15.06
N ILE B 18 -2.92 -2.65 -14.31
CA ILE B 18 -2.98 -4.05 -13.90
C ILE B 18 -4.20 -4.61 -14.61
N LEU B 19 -4.00 -5.58 -15.48
CA LEU B 19 -5.06 -6.20 -16.25
C LEU B 19 -5.32 -7.58 -15.68
N GLN B 20 -6.59 -7.89 -15.46
CA GLN B 20 -6.92 -9.17 -14.92
C GLN B 20 -7.96 -9.75 -15.87
N GLY B 21 -8.25 -11.04 -15.74
CA GLY B 21 -9.22 -11.71 -16.61
C GLY B 21 -8.89 -11.49 -18.08
N ASN B 22 -9.90 -11.44 -18.93
CA ASN B 22 -9.68 -11.25 -20.39
C ASN B 22 -9.36 -9.86 -20.93
N ALA B 23 -9.09 -8.89 -20.06
CA ALA B 23 -8.82 -7.53 -20.48
C ALA B 23 -7.48 -7.43 -21.19
N THR B 24 -7.44 -6.63 -22.25
CA THR B 24 -6.21 -6.43 -23.01
C THR B 24 -6.27 -5.06 -23.59
N ILE B 25 -5.12 -4.56 -24.07
CA ILE B 25 -5.03 -3.27 -24.74
C ILE B 25 -4.96 -3.58 -26.23
N SER B 26 -5.82 -2.99 -27.04
CA SER B 26 -5.78 -3.26 -28.46
C SER B 26 -4.63 -2.51 -29.13
N SER B 27 -4.23 -2.98 -30.31
CA SER B 27 -3.14 -2.36 -31.10
C SER B 27 -3.35 -0.87 -31.36
N LYS B 28 -4.62 -0.43 -31.29
CA LYS B 28 -5.06 0.96 -31.51
C LYS B 28 -5.02 1.81 -30.26
N GLY B 29 -4.63 1.21 -29.15
CA GLY B 29 -4.58 1.97 -27.92
C GLY B 29 -5.92 2.04 -27.20
N GLN B 30 -6.66 0.92 -27.15
CA GLN B 30 -7.93 0.90 -26.45
C GLN B 30 -7.97 -0.13 -25.34
N LEU B 31 -8.56 0.19 -24.21
CA LEU B 31 -8.58 -0.77 -23.14
C LEU B 31 -9.85 -1.60 -23.38
N GLN B 32 -9.67 -2.86 -23.78
CA GLN B 32 -10.80 -3.76 -24.06
C GLN B 32 -11.09 -4.59 -22.87
N LEU B 33 -11.96 -4.13 -21.97
CA LEU B 33 -12.24 -4.87 -20.76
C LEU B 33 -12.61 -6.35 -20.84
N THR B 34 -13.64 -6.70 -21.60
CA THR B 34 -14.07 -8.09 -21.70
C THR B 34 -13.35 -8.90 -22.77
N GLY B 35 -12.49 -8.25 -23.56
CA GLY B 35 -11.73 -8.95 -24.56
C GLY B 35 -12.39 -9.33 -25.87
N VAL B 36 -11.57 -9.94 -26.74
CA VAL B 36 -11.94 -10.37 -28.10
C VAL B 36 -11.27 -11.73 -28.35
N GLY B 37 -12.01 -12.73 -28.82
CA GLY B 37 -11.42 -14.05 -29.02
C GLY B 37 -10.48 -14.29 -30.19
N SER B 38 -10.12 -15.55 -30.40
CA SER B 38 -9.22 -15.91 -31.50
C SER B 38 -9.67 -15.40 -32.89
N ASN B 39 -10.99 -15.29 -33.11
CA ASN B 39 -11.58 -14.81 -34.39
C ASN B 39 -11.86 -13.30 -34.34
N GLU B 40 -11.32 -12.63 -33.32
CA GLU B 40 -11.50 -11.19 -33.11
C GLU B 40 -12.94 -10.74 -32.88
N LEU B 41 -13.73 -11.59 -32.24
CA LEU B 41 -15.12 -11.25 -31.96
C LEU B 41 -15.24 -11.14 -30.46
N PRO B 42 -16.19 -10.32 -29.97
CA PRO B 42 -16.31 -10.20 -28.51
C PRO B 42 -16.39 -11.58 -27.84
N ARG B 43 -15.83 -11.68 -26.63
CA ARG B 43 -15.92 -12.94 -25.89
C ARG B 43 -17.25 -13.05 -25.16
N VAL B 44 -17.80 -14.28 -25.11
CA VAL B 44 -19.05 -14.49 -24.38
C VAL B 44 -18.70 -15.01 -22.97
N ASP B 45 -19.48 -14.59 -21.99
CA ASP B 45 -19.22 -14.97 -20.65
C ASP B 45 -17.73 -14.65 -20.31
N SER B 46 -17.35 -13.41 -20.56
CA SER B 46 -16.01 -13.00 -20.30
C SER B 46 -16.00 -11.95 -19.25
N LEU B 47 -14.93 -11.93 -18.46
CA LEU B 47 -14.71 -10.96 -17.38
C LEU B 47 -13.29 -10.45 -17.55
N GLY B 48 -13.11 -9.14 -17.40
CA GLY B 48 -11.80 -8.54 -17.52
C GLY B 48 -11.88 -7.37 -16.60
N ARG B 49 -10.84 -7.05 -15.85
CA ARG B 49 -10.83 -5.90 -14.94
C ARG B 49 -9.53 -5.21 -15.22
N ALA B 50 -9.34 -3.99 -14.77
CA ALA B 50 -8.10 -3.26 -15.03
C ALA B 50 -8.00 -2.09 -14.07
N PHE B 51 -6.89 -1.97 -13.34
CA PHE B 51 -6.72 -0.90 -12.32
C PHE B 51 -5.40 -0.19 -12.49
N TYR B 52 -5.33 1.04 -12.02
CA TYR B 52 -4.10 1.82 -12.07
C TYR B 52 -3.29 1.04 -11.09
N SER B 53 -2.03 0.78 -11.44
CA SER B 53 -1.15 -0.07 -10.65
C SER B 53 -0.74 0.37 -9.27
N ASP B 54 -0.76 1.69 -9.04
CA ASP B 54 -0.41 2.29 -7.76
C ASP B 54 -1.67 2.34 -6.88
N PRO B 55 -1.53 2.05 -5.59
CA PRO B 55 -2.77 2.14 -4.83
C PRO B 55 -3.05 3.60 -4.52
N ILE B 56 -4.33 3.92 -4.35
CA ILE B 56 -4.72 5.28 -4.10
C ILE B 56 -5.09 5.42 -2.62
N GLN B 57 -4.72 6.55 -2.05
CA GLN B 57 -5.04 6.82 -0.67
C GLN B 57 -6.35 7.57 -0.51
N ILE B 58 -7.33 6.90 0.12
CA ILE B 58 -8.63 7.49 0.39
C ILE B 58 -8.65 8.25 1.72
N LYS B 59 -8.20 7.61 2.80
CA LYS B 59 -8.19 8.20 4.16
C LYS B 59 -6.80 8.50 4.61
N ASP B 60 -6.52 9.76 4.92
CA ASP B 60 -5.17 10.14 5.38
C ASP B 60 -5.00 9.83 6.85
N SER B 61 -6.10 9.90 7.57
CA SER B 61 -6.18 9.63 9.00
C SER B 61 -7.58 10.10 9.35
N ASN B 62 -7.67 11.42 9.40
CA ASN B 62 -8.91 12.09 9.68
C ASN B 62 -9.47 12.74 8.41
N ASN B 63 -8.58 13.12 7.48
CA ASN B 63 -9.03 13.75 6.24
C ASN B 63 -9.29 12.75 5.11
N VAL B 64 -10.42 12.91 4.41
CA VAL B 64 -10.79 12.03 3.32
C VAL B 64 -10.53 12.73 2.03
N ALA B 65 -10.15 11.97 1.03
CA ALA B 65 -9.85 12.54 -0.26
C ALA B 65 -11.11 12.71 -1.06
N SER B 66 -11.06 13.70 -1.91
CA SER B 66 -12.11 14.02 -2.86
C SER B 66 -11.44 13.55 -4.14
N PHE B 67 -12.24 13.17 -5.13
CA PHE B 67 -11.68 12.73 -6.38
C PHE B 67 -12.55 13.09 -7.55
N ASN B 68 -11.91 13.15 -8.71
CA ASN B 68 -12.58 13.54 -9.91
C ASN B 68 -12.03 12.57 -10.92
N THR B 69 -12.90 11.86 -11.64
CA THR B 69 -12.45 10.93 -12.69
C THR B 69 -13.30 11.12 -13.95
N ASN B 70 -12.66 11.18 -15.11
CA ASN B 70 -13.38 11.36 -16.37
C ASN B 70 -12.93 10.23 -17.25
N PHE B 71 -13.85 9.61 -17.95
CA PHE B 71 -13.44 8.56 -18.86
C PHE B 71 -14.43 8.47 -19.99
N THR B 72 -14.00 7.99 -21.15
CA THR B 72 -14.95 7.84 -22.22
C THR B 72 -14.91 6.38 -22.75
N PHE B 73 -16.05 5.79 -23.08
CA PHE B 73 -16.08 4.41 -23.54
C PHE B 73 -17.09 4.16 -24.66
N ILE B 74 -17.05 2.96 -25.24
CA ILE B 74 -17.97 2.56 -26.29
C ILE B 74 -18.34 1.13 -25.95
N ILE B 75 -19.60 0.82 -26.08
CA ILE B 75 -20.05 -0.54 -25.90
C ILE B 75 -20.76 -0.86 -27.19
N ARG B 76 -20.26 -1.86 -27.90
CA ARG B 76 -20.82 -2.28 -29.15
C ARG B 76 -21.27 -3.73 -29.02
N ALA B 77 -22.51 -3.98 -29.43
CA ALA B 77 -23.15 -5.27 -29.36
C ALA B 77 -23.78 -5.65 -30.67
N LYS B 78 -23.97 -6.96 -30.85
CA LYS B 78 -24.62 -7.54 -32.02
C LYS B 78 -26.11 -7.13 -31.93
N ASN B 79 -26.71 -7.21 -30.73
CA ASN B 79 -28.10 -6.78 -30.53
C ASN B 79 -28.17 -6.11 -29.16
N GLN B 80 -28.00 -4.80 -29.13
CA GLN B 80 -28.01 -4.01 -27.89
C GLN B 80 -29.24 -4.14 -27.05
N SER B 81 -30.32 -4.58 -27.66
CA SER B 81 -31.58 -4.73 -26.96
C SER B 81 -31.43 -5.86 -26.02
N ILE B 82 -30.55 -6.79 -26.34
CA ILE B 82 -30.34 -7.92 -25.46
C ILE B 82 -28.91 -8.07 -24.91
N SER B 83 -28.13 -7.02 -25.07
CA SER B 83 -26.76 -6.93 -24.58
C SER B 83 -26.74 -7.12 -23.06
N ALA B 84 -25.60 -7.63 -22.54
CA ALA B 84 -25.34 -7.84 -21.11
C ALA B 84 -23.78 -7.79 -20.96
N TYR B 85 -23.22 -7.44 -19.79
CA TYR B 85 -23.95 -7.07 -18.60
C TYR B 85 -23.63 -5.63 -18.29
N GLY B 86 -22.41 -5.21 -18.54
CA GLY B 86 -22.13 -3.81 -18.26
C GLY B 86 -20.72 -3.56 -17.93
N LEU B 87 -20.39 -2.31 -17.65
CA LEU B 87 -19.06 -1.84 -17.32
C LEU B 87 -19.14 -1.09 -15.97
N ALA B 88 -18.11 -1.24 -15.13
CA ALA B 88 -18.04 -0.64 -13.80
C ALA B 88 -16.81 0.17 -13.48
N PHE B 89 -16.98 1.26 -12.78
CA PHE B 89 -15.84 2.01 -12.34
C PHE B 89 -15.88 1.65 -10.83
N ALA B 90 -14.82 1.09 -10.31
CA ALA B 90 -14.86 0.64 -8.91
C ALA B 90 -13.66 0.98 -8.05
N LEU B 91 -13.84 1.12 -6.74
CA LEU B 91 -12.73 1.30 -5.81
C LEU B 91 -12.73 -0.06 -5.09
N VAL B 92 -11.63 -0.79 -5.14
CA VAL B 92 -11.55 -2.10 -4.48
C VAL B 92 -10.31 -2.29 -3.60
N PRO B 93 -10.29 -3.35 -2.77
CA PRO B 93 -9.15 -3.64 -1.88
C PRO B 93 -7.98 -3.75 -2.81
N VAL B 94 -6.78 -3.35 -2.37
CA VAL B 94 -5.68 -3.32 -3.29
C VAL B 94 -5.27 -4.47 -4.18
N ASN B 95 -5.21 -5.70 -3.72
CA ASN B 95 -4.82 -6.68 -4.74
C ASN B 95 -5.98 -7.64 -4.95
N SER B 96 -7.20 -7.22 -4.66
CA SER B 96 -8.33 -8.12 -4.79
C SER B 96 -8.37 -8.71 -6.16
N PRO B 97 -8.69 -10.01 -6.25
CA PRO B 97 -8.77 -10.76 -7.49
C PRO B 97 -10.21 -10.62 -7.98
N PRO B 98 -10.49 -10.91 -9.26
CA PRO B 98 -11.86 -10.77 -9.74
C PRO B 98 -12.78 -11.72 -9.04
N GLN B 99 -13.96 -11.22 -8.70
CA GLN B 99 -14.97 -11.99 -8.04
C GLN B 99 -15.77 -12.72 -9.10
N LYS B 100 -17.09 -12.81 -8.93
CA LYS B 100 -17.96 -13.52 -9.88
C LYS B 100 -18.28 -12.79 -11.15
N LYS B 101 -18.65 -13.59 -12.16
CA LYS B 101 -18.99 -13.11 -13.48
C LYS B 101 -20.48 -12.74 -13.54
N GLN B 102 -21.00 -12.63 -14.77
CA GLN B 102 -22.39 -12.26 -15.01
C GLN B 102 -22.75 -10.95 -14.36
N GLU B 103 -23.97 -10.87 -13.85
CA GLU B 103 -24.47 -9.69 -13.19
C GLU B 103 -23.66 -9.26 -11.97
N PHE B 104 -22.61 -10.01 -11.63
CA PHE B 104 -21.75 -9.68 -10.48
C PHE B 104 -20.59 -8.80 -10.89
N LEU B 105 -20.49 -8.54 -12.18
CA LEU B 105 -19.48 -7.66 -12.75
C LEU B 105 -18.09 -7.86 -12.25
N GLY B 106 -17.82 -9.06 -11.77
CA GLY B 106 -16.49 -9.38 -11.27
C GLY B 106 -16.10 -8.62 -10.02
N ILE B 107 -17.03 -7.94 -9.37
CA ILE B 107 -16.74 -7.19 -8.16
C ILE B 107 -17.50 -7.72 -6.92
N PHE B 108 -18.52 -8.54 -7.12
CA PHE B 108 -19.26 -9.08 -5.99
C PHE B 108 -19.43 -10.55 -6.12
N ASN B 109 -19.84 -11.19 -5.04
CA ASN B 109 -20.03 -12.66 -5.02
C ASN B 109 -21.45 -13.10 -4.68
N THR B 110 -22.19 -12.26 -3.98
CA THR B 110 -23.52 -12.65 -3.58
C THR B 110 -24.61 -11.65 -3.80
N ASN B 111 -25.80 -12.19 -3.62
CA ASN B 111 -27.04 -11.44 -3.69
C ASN B 111 -27.29 -10.80 -2.33
N ASN B 112 -26.40 -11.10 -1.40
CA ASN B 112 -26.50 -10.58 -0.04
C ASN B 112 -25.47 -9.50 0.18
N PRO B 113 -25.67 -8.67 1.22
CA PRO B 113 -24.69 -7.62 1.46
C PRO B 113 -23.33 -8.21 1.65
N GLU B 114 -22.31 -7.54 1.14
CA GLU B 114 -20.96 -7.97 1.29
C GLU B 114 -20.16 -6.86 1.93
N PRO B 115 -20.47 -6.51 3.18
CA PRO B 115 -19.77 -5.45 3.89
C PRO B 115 -18.26 -5.60 3.85
N ASN B 116 -17.82 -6.83 3.67
CA ASN B 116 -16.39 -7.09 3.61
C ASN B 116 -15.87 -7.20 2.18
N ALA B 117 -16.61 -6.67 1.22
CA ALA B 117 -16.16 -6.66 -0.14
C ALA B 117 -15.30 -5.40 -0.19
N ARG B 118 -15.60 -4.45 0.70
CA ARG B 118 -14.91 -3.16 0.81
C ARG B 118 -14.86 -2.48 -0.56
N THR B 119 -15.92 -2.69 -1.33
CA THR B 119 -16.04 -2.16 -2.69
C THR B 119 -17.17 -1.16 -2.83
N VAL B 120 -16.94 -0.16 -3.67
CA VAL B 120 -17.91 0.86 -3.96
C VAL B 120 -17.77 0.97 -5.48
N ALA B 121 -18.87 0.82 -6.20
CA ALA B 121 -18.81 0.86 -7.64
C ALA B 121 -19.97 1.58 -8.29
N VAL B 122 -19.72 2.12 -9.48
CA VAL B 122 -20.72 2.78 -10.30
C VAL B 122 -20.84 1.91 -11.52
N VAL B 123 -21.91 1.17 -11.60
CA VAL B 123 -22.15 0.30 -12.70
C VAL B 123 -23.05 0.89 -13.80
N PHE B 124 -22.58 0.78 -15.04
CA PHE B 124 -23.33 1.18 -16.23
C PHE B 124 -23.94 -0.17 -16.66
N ASN B 125 -25.03 -0.47 -15.95
CA ASN B 125 -25.76 -1.73 -16.11
C ASN B 125 -26.46 -1.75 -17.40
N THR B 126 -25.80 -2.40 -18.32
CA THR B 126 -26.29 -2.53 -19.64
C THR B 126 -27.37 -3.62 -19.70
N PHE B 127 -27.32 -4.58 -18.77
CA PHE B 127 -28.28 -5.69 -18.67
C PHE B 127 -29.68 -5.17 -18.25
N LYS B 128 -29.73 -4.47 -17.13
CA LYS B 128 -30.95 -3.91 -16.60
C LYS B 128 -31.22 -2.53 -17.12
N ASN B 129 -30.30 -2.01 -17.91
CA ASN B 129 -30.45 -0.68 -18.48
C ASN B 129 -30.57 0.46 -17.50
N ARG B 130 -29.57 0.61 -16.65
CA ARG B 130 -29.59 1.71 -15.74
C ARG B 130 -28.20 1.90 -15.23
N ILE B 131 -28.02 2.97 -14.48
CA ILE B 131 -26.76 3.29 -13.86
C ILE B 131 -26.92 2.96 -12.40
N ASP B 132 -26.12 2.07 -11.86
CA ASP B 132 -26.20 1.71 -10.47
C ASP B 132 -25.04 2.23 -9.67
N PHE B 133 -25.30 2.59 -8.42
CA PHE B 133 -24.25 3.02 -7.51
C PHE B 133 -24.36 1.97 -6.41
N ASP B 134 -23.42 1.05 -6.42
CA ASP B 134 -23.37 -0.07 -5.49
C ASP B 134 -22.38 0.15 -4.40
N LYS B 135 -22.81 -0.17 -3.16
CA LYS B 135 -22.03 -0.06 -1.94
C LYS B 135 -21.94 -1.42 -1.26
N ASN B 136 -20.83 -2.12 -1.40
CA ASN B 136 -20.70 -3.41 -0.74
C ASN B 136 -21.94 -4.25 -0.88
N PHE B 137 -22.63 -4.11 -2.00
CA PHE B 137 -23.84 -4.86 -2.23
C PHE B 137 -24.16 -4.81 -3.70
N ILE B 138 -24.49 -5.96 -4.28
CA ILE B 138 -24.83 -6.04 -5.70
C ILE B 138 -26.16 -5.36 -6.04
N LYS B 139 -27.00 -5.18 -5.02
CA LYS B 139 -28.30 -4.51 -5.16
C LYS B 139 -27.95 -3.01 -4.97
N PRO B 140 -28.27 -2.14 -5.96
CA PRO B 140 -27.95 -0.73 -5.82
C PRO B 140 -28.52 0.06 -4.67
N TYR B 141 -27.72 1.02 -4.25
CA TYR B 141 -28.08 1.93 -3.18
C TYR B 141 -29.01 3.00 -3.73
N VAL B 142 -28.74 3.37 -4.97
CA VAL B 142 -29.46 4.39 -5.71
C VAL B 142 -29.17 4.00 -7.16
N ASN B 143 -30.20 3.97 -7.98
CA ASN B 143 -30.04 3.59 -9.37
C ASN B 143 -30.87 4.55 -10.18
N GLU B 144 -30.45 4.80 -11.42
CA GLU B 144 -31.17 5.71 -12.30
C GLU B 144 -31.24 5.09 -13.70
N ASN B 145 -32.41 5.13 -14.30
CA ASN B 145 -32.58 4.56 -15.64
C ASN B 145 -31.78 5.32 -16.71
N CYS B 146 -31.15 4.57 -17.60
CA CYS B 146 -30.34 5.19 -18.66
C CYS B 146 -30.46 4.23 -19.82
N ASP B 147 -30.92 4.72 -20.98
CA ASP B 147 -31.18 3.86 -22.13
C ASP B 147 -29.99 3.39 -22.96
N PHE B 148 -29.28 2.42 -22.42
CA PHE B 148 -28.13 1.88 -23.09
C PHE B 148 -28.55 1.05 -24.27
N HIS B 149 -29.66 0.34 -24.16
CA HIS B 149 -30.15 -0.49 -25.26
C HIS B 149 -30.34 0.31 -26.50
N LYS B 150 -30.63 1.60 -26.34
CA LYS B 150 -30.85 2.44 -27.47
C LYS B 150 -29.68 3.32 -27.90
N TYR B 151 -29.02 3.95 -26.93
CA TYR B 151 -27.93 4.83 -27.27
C TYR B 151 -26.52 4.32 -27.24
N ASN B 152 -26.31 3.07 -26.85
CA ASN B 152 -24.98 2.50 -26.86
C ASN B 152 -24.51 2.50 -28.33
N GLY B 153 -23.27 2.05 -28.60
CA GLY B 153 -22.76 2.04 -29.95
C GLY B 153 -22.13 3.40 -30.33
N GLU B 154 -21.87 4.23 -29.33
CA GLU B 154 -21.29 5.53 -29.60
C GLU B 154 -20.43 5.90 -28.40
N LYS B 155 -19.42 6.74 -28.62
CA LYS B 155 -18.58 7.21 -27.51
C LYS B 155 -19.49 7.77 -26.48
N THR B 156 -19.27 7.39 -25.22
CA THR B 156 -20.06 7.89 -24.12
C THR B 156 -19.06 8.44 -23.15
N ASP B 157 -19.26 9.68 -22.73
CA ASP B 157 -18.34 10.35 -21.80
C ASP B 157 -18.85 10.30 -20.38
N VAL B 158 -18.07 9.77 -19.46
CA VAL B 158 -18.52 9.74 -18.07
C VAL B 158 -17.63 10.63 -17.21
N GLN B 159 -18.26 11.23 -16.20
CA GLN B 159 -17.58 12.09 -15.28
C GLN B 159 -18.10 11.76 -13.90
N ILE B 160 -17.21 11.40 -12.98
CA ILE B 160 -17.56 11.01 -11.59
C ILE B 160 -16.81 11.85 -10.57
N THR B 161 -17.54 12.47 -9.66
CA THR B 161 -16.93 13.30 -8.63
C THR B 161 -17.34 12.87 -7.23
N TYR B 162 -16.46 13.10 -6.25
CA TYR B 162 -16.78 12.79 -4.88
C TYR B 162 -16.22 13.90 -4.07
N ASP B 163 -17.07 14.52 -3.27
CA ASP B 163 -16.68 15.63 -2.40
C ASP B 163 -16.83 15.09 -1.01
N SER B 164 -15.73 14.98 -0.30
CA SER B 164 -15.77 14.48 1.08
C SER B 164 -16.46 15.45 2.07
N SER B 165 -16.55 16.73 1.68
CA SER B 165 -17.18 17.78 2.48
C SER B 165 -18.67 17.62 2.66
N ASN B 166 -19.36 17.26 1.57
CA ASN B 166 -20.81 17.02 1.59
C ASN B 166 -21.06 15.53 1.38
N ASN B 167 -19.96 14.78 1.28
CA ASN B 167 -20.01 13.36 1.09
C ASN B 167 -20.93 12.97 0.00
N ASP B 168 -20.80 13.61 -1.13
CA ASP B 168 -21.65 13.24 -2.25
C ASP B 168 -20.93 12.86 -3.52
N LEU B 169 -21.41 11.77 -4.06
CA LEU B 169 -20.92 11.21 -5.29
C LEU B 169 -21.89 11.68 -6.37
N ARG B 170 -21.37 12.15 -7.49
CA ARG B 170 -22.19 12.61 -8.59
C ARG B 170 -21.67 12.00 -9.89
N VAL B 171 -22.55 11.37 -10.66
CA VAL B 171 -22.18 10.75 -11.93
C VAL B 171 -22.91 11.41 -13.08
N PHE B 172 -22.18 11.90 -14.09
CA PHE B 172 -22.77 12.53 -15.27
C PHE B 172 -22.34 11.81 -16.50
N LEU B 173 -23.26 11.08 -17.15
CA LEU B 173 -23.01 10.34 -18.41
C LEU B 173 -23.60 11.12 -19.61
N HIS B 174 -22.87 11.18 -20.71
CA HIS B 174 -23.34 11.92 -21.88
C HIS B 174 -23.05 11.14 -23.14
N PHE B 175 -24.09 10.66 -23.83
CA PHE B 175 -23.89 9.96 -25.09
C PHE B 175 -23.64 11.07 -26.10
N THR B 176 -22.43 11.08 -26.64
CA THR B 176 -21.94 12.13 -27.52
C THR B 176 -22.60 12.52 -28.82
N VAL B 177 -23.29 11.62 -29.49
CA VAL B 177 -23.92 11.99 -30.75
C VAL B 177 -25.42 12.06 -30.51
N SER B 178 -25.97 11.08 -29.80
CA SER B 178 -27.40 11.11 -29.56
C SER B 178 -27.63 12.25 -28.60
N GLN B 179 -26.55 12.66 -27.93
CA GLN B 179 -26.62 13.79 -27.02
C GLN B 179 -27.41 13.50 -25.76
N VAL B 180 -27.91 12.28 -25.61
CA VAL B 180 -28.64 11.90 -24.39
C VAL B 180 -27.71 11.93 -23.14
N LYS B 181 -28.25 12.34 -21.98
CA LYS B 181 -27.56 12.46 -20.67
C LYS B 181 -28.22 11.60 -19.57
N CYS B 182 -27.43 11.10 -18.64
CA CYS B 182 -27.94 10.36 -17.49
C CYS B 182 -27.06 10.79 -16.37
N SER B 183 -27.56 10.66 -15.15
CA SER B 183 -26.82 11.03 -13.95
C SER B 183 -27.51 10.55 -12.72
N VAL B 184 -26.74 10.31 -11.67
CA VAL B 184 -27.31 9.92 -10.39
C VAL B 184 -26.45 10.56 -9.34
N SER B 185 -27.01 10.73 -8.17
CA SER B 185 -26.28 11.29 -7.06
C SER B 185 -26.62 10.49 -5.82
N ALA B 186 -25.64 10.34 -4.93
CA ALA B 186 -25.87 9.63 -3.69
C ALA B 186 -24.97 10.28 -2.67
N THR B 187 -25.33 10.09 -1.40
CA THR B 187 -24.54 10.62 -0.28
C THR B 187 -23.83 9.38 0.29
N VAL B 188 -22.50 9.43 0.23
CA VAL B 188 -21.66 8.32 0.69
C VAL B 188 -20.55 8.84 1.55
N HIS B 189 -20.12 7.96 2.43
CA HIS B 189 -19.02 8.19 3.35
C HIS B 189 -18.06 7.13 2.89
N LEU B 190 -17.29 7.47 1.87
CA LEU B 190 -16.33 6.52 1.33
C LEU B 190 -15.58 5.77 2.41
N GLU B 191 -15.05 6.53 3.38
CA GLU B 191 -14.27 6.02 4.52
C GLU B 191 -14.93 4.90 5.29
N LYS B 192 -16.23 4.73 5.18
CA LYS B 192 -16.95 3.67 5.87
C LYS B 192 -17.20 2.46 4.96
N GLU B 193 -16.79 2.55 3.69
CA GLU B 193 -17.04 1.48 2.71
C GLU B 193 -15.81 0.83 2.14
N VAL B 194 -14.76 1.64 2.04
CA VAL B 194 -13.49 1.18 1.49
C VAL B 194 -12.30 1.41 2.45
N ASP B 195 -11.17 0.75 2.15
CA ASP B 195 -9.96 0.85 2.97
C ASP B 195 -9.25 2.18 2.77
N GLU B 196 -8.24 2.41 3.58
CA GLU B 196 -7.43 3.64 3.57
C GLU B 196 -6.75 3.79 2.20
N TRP B 197 -6.37 2.67 1.61
CA TRP B 197 -5.73 2.64 0.30
C TRP B 197 -6.57 1.64 -0.49
N VAL B 198 -6.93 2.00 -1.72
CA VAL B 198 -7.72 1.14 -2.59
C VAL B 198 -7.11 1.13 -4.00
N SER B 199 -7.56 0.20 -4.83
CA SER B 199 -7.14 0.08 -6.23
C SER B 199 -8.31 0.71 -7.00
N VAL B 200 -8.00 1.53 -7.99
CA VAL B 200 -9.02 2.27 -8.75
C VAL B 200 -9.05 1.72 -10.15
N GLY B 201 -10.23 1.58 -10.75
CA GLY B 201 -10.27 1.04 -12.11
C GLY B 201 -11.61 0.59 -12.64
N PHE B 202 -11.65 -0.36 -13.57
CA PHE B 202 -12.90 -0.79 -14.21
C PHE B 202 -13.00 -2.28 -14.18
N SER B 203 -14.23 -2.75 -14.31
CA SER B 203 -14.57 -4.19 -14.34
C SER B 203 -15.90 -4.33 -15.12
N PRO B 204 -15.97 -5.18 -16.15
CA PRO B 204 -17.10 -5.50 -17.02
C PRO B 204 -17.23 -6.94 -17.25
N THR B 205 -18.47 -7.35 -17.56
CA THR B 205 -18.83 -8.74 -17.80
C THR B 205 -19.73 -8.78 -19.00
N SER B 206 -19.51 -9.76 -19.87
CA SER B 206 -20.32 -9.93 -21.08
C SER B 206 -21.31 -11.11 -20.99
N GLY B 207 -22.35 -11.04 -21.82
CA GLY B 207 -23.37 -12.07 -21.84
C GLY B 207 -22.91 -13.45 -22.23
N LEU B 208 -23.73 -14.42 -21.85
CA LEU B 208 -23.48 -15.84 -22.07
C LEU B 208 -23.84 -16.35 -23.47
N THR B 209 -23.86 -15.48 -24.48
CA THR B 209 -24.27 -15.90 -25.83
C THR B 209 -23.82 -14.90 -26.88
N GLU B 210 -23.66 -15.38 -28.11
CA GLU B 210 -23.23 -14.49 -29.19
C GLU B 210 -24.19 -13.33 -29.37
N ASP B 211 -25.46 -13.54 -29.10
CA ASP B 211 -26.44 -12.46 -29.24
C ASP B 211 -26.41 -11.47 -28.08
N THR B 212 -26.26 -11.98 -26.86
CA THR B 212 -26.25 -11.12 -25.70
C THR B 212 -24.91 -10.45 -25.35
N THR B 213 -23.85 -10.83 -26.05
CA THR B 213 -22.56 -10.25 -25.72
C THR B 213 -22.31 -8.89 -26.37
N GLU B 214 -21.30 -8.20 -25.85
CA GLU B 214 -20.95 -6.86 -26.31
C GLU B 214 -19.51 -6.53 -25.92
N THR B 215 -19.02 -5.40 -26.38
CA THR B 215 -17.69 -4.96 -26.05
C THR B 215 -17.80 -3.92 -24.95
N HIS B 216 -16.70 -3.70 -24.23
CA HIS B 216 -16.68 -2.70 -23.18
C HIS B 216 -15.32 -2.08 -23.26
N ASP B 217 -15.15 -1.17 -24.19
CA ASP B 217 -13.85 -0.57 -24.40
C ASP B 217 -13.73 0.81 -23.77
N VAL B 218 -12.60 1.08 -23.14
CA VAL B 218 -12.39 2.38 -22.53
C VAL B 218 -11.37 3.05 -23.42
N LEU B 219 -11.70 4.23 -23.88
CA LEU B 219 -10.82 4.89 -24.80
C LEU B 219 -9.95 5.93 -24.13
N SER B 220 -10.31 6.39 -22.95
CA SER B 220 -9.49 7.38 -22.27
C SER B 220 -9.87 7.42 -20.79
N TRP B 221 -9.05 8.05 -19.93
CA TRP B 221 -9.33 8.09 -18.49
C TRP B 221 -8.38 9.00 -17.71
N SER B 222 -8.95 9.80 -16.82
CA SER B 222 -8.17 10.69 -15.97
C SER B 222 -8.66 10.54 -14.56
N PHE B 223 -7.78 10.84 -13.62
CA PHE B 223 -8.15 10.72 -12.21
C PHE B 223 -7.32 11.69 -11.42
N SER B 224 -7.90 12.21 -10.33
CA SER B 224 -7.25 13.13 -9.41
C SER B 224 -7.82 13.08 -8.02
N SER B 225 -7.08 12.58 -7.04
CA SER B 225 -7.60 12.59 -5.69
C SER B 225 -7.04 13.86 -5.08
N LYS B 226 -7.75 14.44 -4.12
CA LYS B 226 -7.32 15.67 -3.46
C LYS B 226 -7.71 15.70 -1.97
N PHE B 227 -6.73 16.02 -1.13
CA PHE B 227 -6.96 16.11 0.30
C PHE B 227 -7.06 17.57 0.60
N ARG B 228 -8.24 18.05 0.95
CA ARG B 228 -8.42 19.49 1.21
C ARG B 228 -8.13 19.96 2.64
C1 NAG C . 15.07 14.31 23.50
C2 NAG C . 16.30 14.73 22.68
C3 NAG C . 16.79 15.97 23.39
C4 NAG C . 15.83 16.97 22.83
C5 NAG C . 14.42 16.67 23.37
C6 NAG C . 13.38 17.45 22.55
C7 NAG C . 17.85 12.97 23.26
C8 NAG C . 18.88 12.00 22.76
N2 NAG C . 17.32 13.75 22.34
O3 NAG C . 18.15 16.29 23.09
O4 NAG C . 16.24 18.28 23.19
O5 NAG C . 14.04 15.27 23.26
O6 NAG C . 12.04 17.16 22.95
O7 NAG C . 17.57 13.06 24.44
C1 FUC C . 18.98 16.25 24.23
C2 FUC C . 20.46 16.35 23.84
C3 FUC C . 20.81 17.75 23.36
C4 FUC C . 20.34 18.80 24.35
C5 FUC C . 18.88 18.57 24.79
C6 FUC C . 18.48 19.45 25.95
O2 FUC C . 20.74 15.41 22.83
O3 FUC C . 22.22 17.86 23.26
O4 FUC C . 21.21 18.77 25.48
O5 FUC C . 18.68 17.22 25.19
C1 NAG C . 16.40 19.20 22.18
C2 NAG C . 16.21 20.57 22.77
C3 NAG C . 16.52 21.66 21.73
C4 NAG C . 17.98 21.45 21.32
C5 NAG C . 18.11 20.05 20.71
C6 NAG C . 19.52 19.73 20.27
C7 NAG C . 14.65 20.52 24.61
C8 NAG C . 13.22 20.64 25.10
N2 NAG C . 14.85 20.68 23.31
O3 NAG C . 16.32 22.98 22.28
O4 NAG C . 18.38 22.47 20.39
O5 NAG C . 17.73 19.04 21.69
O6 NAG C . 19.65 18.37 19.89
O7 NAG C . 15.56 20.30 25.41
C1 NAG D . -12.36 -15.26 -20.93
C2 NAG D . -13.40 -15.76 -19.94
C3 NAG D . -13.19 -17.24 -19.98
C4 NAG D . -13.98 -17.58 -21.20
C5 NAG D . -13.28 -16.99 -22.44
C6 NAG D . -14.26 -16.98 -23.63
C7 NAG D . -12.42 -15.06 -17.87
C8 NAG D . -12.65 -14.43 -16.52
N2 NAG D . -13.48 -15.16 -18.62
O3 NAG D . -13.71 -17.90 -18.80
O4 NAG D . -14.14 -19.00 -21.33
O5 NAG D . -12.83 -15.60 -22.25
O6 NAG D . -13.67 -16.43 -24.81
O7 NAG D . -11.32 -15.43 -18.23
C1 FUC D . -12.73 -18.58 -18.06
C2 FUC D . -13.29 -19.08 -16.75
C3 FUC D . -14.28 -20.23 -16.95
C4 FUC D . -13.67 -21.31 -17.81
C5 FUC D . -13.03 -20.74 -19.10
C6 FUC D . -12.20 -21.75 -19.86
O2 FUC D . -13.94 -18.02 -16.07
O3 FUC D . -14.59 -20.78 -15.68
O4 FUC D . -12.71 -22.02 -17.06
O5 FUC D . -12.14 -19.65 -18.79
C1 NAG D . -15.44 -19.48 -21.45
C2 NAG D . -15.37 -20.81 -22.18
C3 NAG D . -16.75 -21.47 -22.24
C4 NAG D . -17.20 -21.67 -20.80
C5 NAG D . -17.27 -20.29 -20.12
C6 NAG D . -17.71 -20.39 -18.66
C7 NAG D . -13.51 -20.84 -23.71
C8 NAG D . -12.97 -20.61 -25.11
N2 NAG D . -14.80 -20.61 -23.50
O3 NAG D . -16.66 -22.73 -22.92
O4 NAG D . -18.47 -22.35 -20.75
O5 NAG D . -15.97 -19.67 -20.13
O6 NAG D . -17.61 -19.14 -17.98
O7 NAG D . -12.76 -21.24 -22.82
#